data_3M66
#
_entry.id   3M66
#
_cell.length_a   139.230
_cell.length_b   32.240
_cell.length_c   70.220
_cell.angle_alpha   90.00
_cell.angle_beta   106.59
_cell.angle_gamma   90.00
#
_symmetry.space_group_name_H-M   'C 1 2 1'
#
loop_
_entity.id
_entity.type
_entity.pdbx_description
1 polymer 'mTERF domain-containing protein 1, mitochondrial'
2 water water
#
_entity_poly.entity_id   1
_entity_poly.type   'polypeptide(L)'
_entity_poly.pdbx_seq_one_letter_code
;DYVDHSETLQKLVLLGVDLSKIEKHPEAANLLLRLDFEKDIKQMLLFLKDVGIEDNQLGAFLTKNHAIFSEDLENLKTRV
AYLHSKNFSKADVAQMVRKAPFLLNFSVERLDNRLGFFQKELELSVKKTRDLVVRLPRLLTGSLEPVKENMKVYRLELGF
KHNEIQHMITRIPKMLTANKMKLTETFDFVHNVMSIPHHIIVKFPQVFNTRLFKVKERHLFLTYLGRAQYDPAKPNYISL
DKLVSIPDEIFCEEIAKASVQDFEKFLKTL
;
_entity_poly.pdbx_strand_id   A
#
# COMPACT_ATOMS: atom_id res chain seq x y z
N ASP A 1 -5.76 6.97 41.06
CA ASP A 1 -6.08 7.41 39.69
C ASP A 1 -6.41 6.23 38.78
N TYR A 2 -5.79 5.07 39.00
CA TYR A 2 -6.08 3.91 38.15
C TYR A 2 -7.55 3.50 38.24
N VAL A 3 -8.11 3.55 39.44
CA VAL A 3 -9.48 3.14 39.63
C VAL A 3 -10.45 4.08 38.89
N ASP A 4 -10.17 5.39 38.95
CA ASP A 4 -11.06 6.36 38.32
C ASP A 4 -10.89 6.37 36.81
N HIS A 5 -9.76 5.88 36.33
CA HIS A 5 -9.51 5.84 34.88
C HIS A 5 -10.08 4.55 34.25
N SER A 6 -10.46 3.60 35.09
CA SER A 6 -10.85 2.28 34.61
C SER A 6 -12.00 2.30 33.61
N GLU A 7 -13.00 3.16 33.84
CA GLU A 7 -14.14 3.22 32.93
C GLU A 7 -13.75 3.77 31.59
N THR A 8 -12.84 4.75 31.57
CA THR A 8 -12.32 5.27 30.30
C THR A 8 -11.51 4.21 29.58
N LEU A 9 -10.70 3.48 30.34
CA LEU A 9 -9.83 2.48 29.71
C LEU A 9 -10.70 1.39 29.09
N GLN A 10 -11.72 0.97 29.84
CA GLN A 10 -12.67 -0.06 29.40
C GLN A 10 -13.37 0.38 28.09
N LYS A 11 -13.76 1.65 28.03
CA LYS A 11 -14.38 2.18 26.81
C LYS A 11 -13.44 2.08 25.62
N LEU A 12 -12.16 2.45 25.81
CA LEU A 12 -11.18 2.34 24.73
C LEU A 12 -10.95 0.90 24.32
N VAL A 13 -10.90 0.01 25.30
CA VAL A 13 -10.75 -1.40 24.95
C VAL A 13 -11.93 -1.93 24.15
N LEU A 14 -13.15 -1.59 24.58
CA LEU A 14 -14.35 -2.01 23.85
C LEU A 14 -14.36 -1.49 22.40
N LEU A 15 -13.70 -0.36 22.15
CA LEU A 15 -13.63 0.21 20.80
C LEU A 15 -12.61 -0.52 19.95
N GLY A 16 -11.81 -1.38 20.56
CA GLY A 16 -10.79 -2.11 19.84
C GLY A 16 -9.44 -1.47 19.85
N VAL A 17 -9.23 -0.53 20.77
CA VAL A 17 -7.88 0.05 20.86
C VAL A 17 -6.92 -0.95 21.52
N ASP A 18 -5.72 -1.13 20.95
CA ASP A 18 -4.72 -2.02 21.51
C ASP A 18 -3.73 -1.18 22.37
N LEU A 19 -3.98 -1.15 23.68
CA LEU A 19 -3.18 -0.28 24.55
C LEU A 19 -1.76 -0.76 24.61
N SER A 20 -1.51 -2.03 24.33
CA SER A 20 -0.13 -2.53 24.31
C SER A 20 0.71 -1.88 23.21
N LYS A 21 0.08 -1.51 22.09
CA LYS A 21 0.81 -0.80 21.05
C LYS A 21 1.07 0.66 21.50
N ILE A 22 0.06 1.30 22.07
CA ILE A 22 0.23 2.70 22.49
C ILE A 22 1.31 2.77 23.57
N GLU A 23 1.39 1.72 24.37
CA GLU A 23 2.40 1.69 25.47
C GLU A 23 3.84 1.71 24.99
N LYS A 24 4.08 1.37 23.72
CA LYS A 24 5.44 1.53 23.18
C LYS A 24 5.92 2.99 23.00
N HIS A 25 4.99 3.92 23.17
CA HIS A 25 5.21 5.35 22.92
C HIS A 25 4.96 6.00 24.26
N PRO A 26 6.01 6.13 25.09
CA PRO A 26 5.75 6.42 26.51
C PRO A 26 5.04 7.78 26.77
N GLU A 27 5.39 8.87 26.10
CA GLU A 27 4.68 10.12 26.38
C GLU A 27 3.24 10.04 25.95
N ALA A 28 2.94 9.45 24.78
CA ALA A 28 1.53 9.31 24.38
C ALA A 28 0.73 8.42 25.34
N ALA A 29 1.35 7.33 25.79
CA ALA A 29 0.70 6.44 26.75
C ALA A 29 0.43 7.15 28.05
N ASN A 30 1.39 7.94 28.52
CA ASN A 30 1.18 8.68 29.78
C ASN A 30 0.16 9.79 29.65
N LEU A 31 0.08 10.42 28.49
CA LEU A 31 -1.06 11.30 28.29
C LEU A 31 -2.41 10.54 28.36
N LEU A 32 -2.54 9.45 27.60
CA LEU A 32 -3.82 8.72 27.55
C LEU A 32 -4.29 8.22 28.92
N LEU A 33 -3.34 7.76 29.73
CA LEU A 33 -3.59 7.28 31.07
C LEU A 33 -4.24 8.39 31.93
N ARG A 34 -3.98 9.64 31.55
CA ARG A 34 -4.49 10.81 32.30
C ARG A 34 -5.66 11.54 31.63
N LEU A 35 -6.17 10.98 30.56
CA LEU A 35 -7.35 11.55 29.92
C LEU A 35 -8.64 10.87 30.37
N ASP A 36 -9.67 11.70 30.52
CA ASP A 36 -11.01 11.21 30.82
C ASP A 36 -11.82 11.13 29.54
N PHE A 37 -12.66 10.10 29.40
CA PHE A 37 -13.33 9.86 28.11
C PHE A 37 -14.24 11.03 27.73
N GLU A 38 -15.09 11.46 28.66
CA GLU A 38 -16.08 12.46 28.30
C GLU A 38 -15.42 13.81 28.10
N LYS A 39 -14.54 14.20 29.02
CA LYS A 39 -13.90 15.52 28.93
C LYS A 39 -12.83 15.73 27.87
N ASP A 40 -12.06 14.69 27.54
CA ASP A 40 -10.88 14.89 26.73
C ASP A 40 -10.95 14.09 25.41
N ILE A 41 -11.52 12.90 25.45
CA ILE A 41 -11.40 11.97 24.33
C ILE A 41 -12.56 12.09 23.37
N LYS A 42 -13.78 12.24 23.90
CA LYS A 42 -14.99 12.20 23.08
C LYS A 42 -15.00 13.24 21.96
N GLN A 43 -14.53 14.46 22.21
CA GLN A 43 -14.56 15.47 21.15
C GLN A 43 -13.65 15.10 19.99
N MET A 44 -12.52 14.43 20.27
CA MET A 44 -11.61 13.92 19.24
C MET A 44 -12.32 12.81 18.43
N LEU A 45 -13.00 11.91 19.13
CA LEU A 45 -13.70 10.82 18.43
C LEU A 45 -14.83 11.37 17.55
N LEU A 46 -15.49 12.44 17.99
CA LEU A 46 -16.57 13.03 17.21
C LEU A 46 -16.04 13.69 15.91
N PHE A 47 -14.89 14.33 16.02
CA PHE A 47 -14.22 14.86 14.83
C PHE A 47 -13.88 13.75 13.84
N LEU A 48 -13.31 12.68 14.36
CA LEU A 48 -12.93 11.52 13.49
C LEU A 48 -14.18 10.96 12.83
N LYS A 49 -15.29 10.88 13.55
CA LYS A 49 -16.55 10.45 12.91
C LYS A 49 -16.98 11.40 11.80
N ASP A 50 -16.85 12.69 12.06
CA ASP A 50 -17.27 13.66 11.09
C ASP A 50 -16.46 13.58 9.82
N VAL A 51 -15.17 13.26 9.93
CA VAL A 51 -14.40 13.14 8.72
C VAL A 51 -14.54 11.76 8.09
N GLY A 52 -15.23 10.86 8.76
CA GLY A 52 -15.62 9.63 8.11
C GLY A 52 -15.02 8.34 8.66
N ILE A 53 -14.45 8.41 9.85
CA ILE A 53 -14.01 7.17 10.49
C ILE A 53 -15.21 6.58 11.21
N GLU A 54 -15.72 5.43 10.77
CA GLU A 54 -16.87 4.83 11.43
C GLU A 54 -16.54 4.21 12.78
N ASP A 55 -17.57 4.00 13.59
CA ASP A 55 -17.32 3.58 14.97
C ASP A 55 -16.51 2.28 14.97
N ASN A 56 -16.81 1.35 14.04
CA ASN A 56 -16.04 0.11 14.03
C ASN A 56 -14.64 0.18 13.39
N GLN A 57 -14.23 1.40 13.01
CA GLN A 57 -12.89 1.66 12.46
C GLN A 57 -12.05 2.47 13.45
N LEU A 58 -12.68 2.97 14.50
CA LEU A 58 -11.90 3.83 15.44
C LEU A 58 -10.79 3.08 16.15
N GLY A 59 -11.03 1.83 16.55
CA GLY A 59 -10.02 1.09 17.28
C GLY A 59 -8.75 0.92 16.51
N ALA A 60 -8.87 0.52 15.24
CA ALA A 60 -7.67 0.39 14.44
C ALA A 60 -6.96 1.73 14.18
N PHE A 61 -7.74 2.80 13.93
CA PHE A 61 -7.18 4.12 13.74
C PHE A 61 -6.39 4.60 14.97
N LEU A 62 -7.03 4.49 16.13
CA LEU A 62 -6.38 4.95 17.38
C LEU A 62 -5.20 4.09 17.78
N THR A 63 -5.20 2.81 17.38
CA THR A 63 -4.05 1.99 17.69
C THR A 63 -2.83 2.39 16.87
N LYS A 64 -3.06 2.72 15.60
CA LYS A 64 -1.97 3.17 14.71
C LYS A 64 -1.51 4.56 15.05
N ASN A 65 -2.46 5.49 15.14
CA ASN A 65 -2.09 6.89 15.37
C ASN A 65 -2.07 7.22 16.86
N HIS A 66 -1.01 6.77 17.54
CA HIS A 66 -0.87 7.02 18.97
C HIS A 66 -0.69 8.49 19.27
N ALA A 67 -0.45 9.31 18.23
CA ALA A 67 -0.21 10.73 18.44
C ALA A 67 -1.46 11.60 18.33
N ILE A 68 -2.63 11.01 18.01
CA ILE A 68 -3.80 11.84 17.64
C ILE A 68 -4.23 12.77 18.80
N PHE A 69 -4.14 12.29 20.04
CA PHE A 69 -4.56 13.12 21.17
C PHE A 69 -3.61 14.23 21.48
N SER A 70 -2.44 14.20 20.85
CA SER A 70 -1.46 15.25 21.06
C SER A 70 -1.56 16.34 20.00
N GLU A 71 -2.44 16.18 18.99
CA GLU A 71 -2.64 17.22 18.00
C GLU A 71 -3.77 18.14 18.42
N ASP A 72 -3.65 19.42 18.12
CA ASP A 72 -4.68 20.36 18.44
C ASP A 72 -5.84 20.13 17.50
N LEU A 73 -7.05 19.99 18.03
CA LEU A 73 -8.22 19.77 17.16
C LEU A 73 -8.40 20.89 16.11
N GLU A 74 -8.11 22.15 16.45
CA GLU A 74 -8.25 23.22 15.49
C GLU A 74 -7.32 23.00 14.31
N ASN A 75 -6.12 22.49 14.58
CA ASN A 75 -5.20 22.25 13.49
C ASN A 75 -5.65 21.07 12.60
N LEU A 76 -6.22 20.06 13.24
CA LEU A 76 -6.75 18.90 12.47
C LEU A 76 -7.84 19.40 11.52
N LYS A 77 -8.73 20.25 12.03
CA LYS A 77 -9.79 20.81 11.16
C LYS A 77 -9.19 21.62 10.00
N THR A 78 -8.19 22.46 10.27
CA THR A 78 -7.56 23.24 9.21
C THR A 78 -6.96 22.36 8.11
N ARG A 79 -6.35 21.24 8.50
CA ARG A 79 -5.68 20.34 7.54
C ARG A 79 -6.73 19.65 6.69
N VAL A 80 -7.87 19.29 7.28
CA VAL A 80 -8.95 18.74 6.44
C VAL A 80 -9.47 19.77 5.45
N ALA A 81 -9.64 21.03 5.88
CA ALA A 81 -10.07 22.06 4.96
C ALA A 81 -9.06 22.26 3.83
N TYR A 82 -7.78 22.14 4.15
CA TYR A 82 -6.74 22.24 3.10
C TYR A 82 -6.97 21.12 2.07
N LEU A 83 -7.14 19.88 2.54
CA LEU A 83 -7.37 18.78 1.59
C LEU A 83 -8.58 19.08 0.70
N HIS A 84 -9.64 19.64 1.27
CA HIS A 84 -10.78 19.95 0.46
C HIS A 84 -10.47 21.01 -0.58
N SER A 85 -9.62 21.99 -0.22
CA SER A 85 -9.20 23.07 -1.15
C SER A 85 -8.40 22.51 -2.35
N LYS A 86 -7.91 21.29 -2.19
CA LYS A 86 -7.17 20.61 -3.23
C LYS A 86 -8.04 19.63 -3.99
N ASN A 87 -9.35 19.72 -3.78
CA ASN A 87 -10.34 18.97 -4.57
C ASN A 87 -10.45 17.52 -4.17
N PHE A 88 -9.99 17.20 -2.97
CA PHE A 88 -10.31 15.89 -2.40
C PHE A 88 -11.72 16.01 -1.82
N SER A 89 -12.58 15.11 -2.25
CA SER A 89 -13.95 15.11 -1.72
C SER A 89 -14.05 14.61 -0.29
N LYS A 90 -15.24 14.75 0.31
CA LYS A 90 -15.45 14.13 1.61
C LYS A 90 -15.21 12.60 1.60
N ALA A 91 -15.68 11.89 0.57
CA ALA A 91 -15.43 10.45 0.50
C ALA A 91 -13.92 10.16 0.35
N ASP A 92 -13.22 10.96 -0.45
CA ASP A 92 -11.76 10.82 -0.58
C ASP A 92 -11.05 10.97 0.76
N VAL A 93 -11.35 12.05 1.48
CA VAL A 93 -10.68 12.30 2.74
C VAL A 93 -10.97 11.17 3.76
N ALA A 94 -12.19 10.65 3.78
CA ALA A 94 -12.52 9.56 4.69
C ALA A 94 -11.61 8.34 4.42
N GLN A 95 -11.44 8.02 3.13
CA GLN A 95 -10.58 6.90 2.74
C GLN A 95 -9.10 7.21 3.08
N MET A 96 -8.66 8.45 2.85
CA MET A 96 -7.25 8.81 3.06
C MET A 96 -6.91 8.76 4.54
N VAL A 97 -7.79 9.30 5.40
CA VAL A 97 -7.50 9.29 6.82
C VAL A 97 -7.55 7.90 7.39
N ARG A 98 -8.47 7.05 6.91
CA ARG A 98 -8.53 5.67 7.41
C ARG A 98 -7.29 4.86 7.01
N LYS A 99 -6.90 4.99 5.75
CA LYS A 99 -5.78 4.20 5.23
C LYS A 99 -4.41 4.77 5.55
N ALA A 100 -4.37 6.04 5.94
CA ALA A 100 -3.12 6.66 6.34
C ALA A 100 -3.43 7.47 7.61
N PRO A 101 -3.49 6.78 8.76
CA PRO A 101 -3.96 7.48 9.95
C PRO A 101 -3.11 8.63 10.42
N PHE A 102 -1.85 8.70 10.03
CA PHE A 102 -1.03 9.88 10.37
C PHE A 102 -1.24 11.11 9.48
N LEU A 103 -2.09 11.00 8.45
CA LEU A 103 -2.19 12.07 7.45
C LEU A 103 -2.46 13.45 8.07
N LEU A 104 -3.41 13.50 9.01
CA LEU A 104 -3.76 14.84 9.57
C LEU A 104 -2.79 15.32 10.61
N ASN A 105 -1.72 14.54 10.87
CA ASN A 105 -0.69 15.01 11.80
C ASN A 105 0.36 15.88 11.07
N PHE A 106 0.27 15.94 9.75
CA PHE A 106 1.18 16.75 8.92
C PHE A 106 0.60 18.13 8.74
N SER A 107 1.45 19.14 8.83
CA SER A 107 0.97 20.51 8.66
C SER A 107 0.49 20.83 7.24
N VAL A 108 -0.27 21.90 7.10
CA VAL A 108 -0.73 22.35 5.80
C VAL A 108 0.46 22.46 4.85
N GLU A 109 1.54 23.11 5.30
CA GLU A 109 2.68 23.33 4.42
C GLU A 109 3.33 22.01 3.98
N ARG A 110 3.44 21.08 4.91
CA ARG A 110 4.02 19.79 4.57
C ARG A 110 3.14 18.98 3.62
N LEU A 111 1.83 19.02 3.84
CA LEU A 111 0.90 18.32 2.93
C LEU A 111 1.01 18.93 1.53
N ASP A 112 1.08 20.26 1.45
CA ASP A 112 1.18 20.94 0.17
C ASP A 112 2.48 20.55 -0.51
N ASN A 113 3.55 20.48 0.25
CA ASN A 113 4.86 20.18 -0.34
C ASN A 113 4.90 18.75 -0.82
N ARG A 114 4.25 17.88 -0.09
CA ARG A 114 4.23 16.44 -0.42
C ARG A 114 3.43 16.17 -1.68
N LEU A 115 2.24 16.77 -1.77
CA LEU A 115 1.47 16.71 -3.01
C LEU A 115 2.25 17.29 -4.21
N GLY A 116 2.91 18.43 -4.02
CA GLY A 116 3.74 19.01 -5.04
C GLY A 116 4.88 18.07 -5.47
N PHE A 117 5.47 17.37 -4.51
CA PHE A 117 6.55 16.43 -4.82
C PHE A 117 6.03 15.34 -5.76
N PHE A 118 4.87 14.79 -5.46
CA PHE A 118 4.39 13.65 -6.27
C PHE A 118 4.01 14.15 -7.66
N GLN A 119 3.51 15.38 -7.72
CA GLN A 119 3.19 15.98 -9.00
C GLN A 119 4.44 16.14 -9.85
N LYS A 120 5.49 16.67 -9.25
CA LYS A 120 6.71 16.95 -9.97
C LYS A 120 7.53 15.70 -10.32
N GLU A 121 7.60 14.77 -9.38
CA GLU A 121 8.44 13.59 -9.53
C GLU A 121 7.85 12.58 -10.51
N LEU A 122 6.53 12.46 -10.51
CA LEU A 122 5.88 11.46 -11.36
C LEU A 122 5.33 12.05 -12.68
N GLU A 123 5.15 13.37 -12.72
CA GLU A 123 4.70 14.06 -13.91
C GLU A 123 3.29 13.68 -14.40
N LEU A 124 2.47 13.08 -13.53
CA LEU A 124 1.09 12.71 -13.91
C LEU A 124 0.20 13.95 -14.01
N SER A 125 -0.92 13.81 -14.71
CA SER A 125 -1.95 14.86 -14.67
C SER A 125 -2.35 15.18 -13.23
N VAL A 126 -2.85 16.39 -12.99
CA VAL A 126 -3.37 16.79 -11.67
C VAL A 126 -4.33 15.76 -11.11
N LYS A 127 -5.30 15.40 -11.93
CA LYS A 127 -6.32 14.41 -11.58
C LYS A 127 -5.70 13.07 -11.21
N LYS A 128 -4.75 12.57 -12.03
CA LYS A 128 -4.18 11.26 -11.76
C LYS A 128 -3.28 11.29 -10.54
N THR A 129 -2.73 12.45 -10.23
CA THR A 129 -1.99 12.60 -9.01
C THR A 129 -2.91 12.48 -7.75
N ARG A 130 -4.07 13.15 -7.77
CA ARG A 130 -5.06 12.92 -6.70
C ARG A 130 -5.49 11.48 -6.68
N ASP A 131 -5.79 10.88 -7.83
CA ASP A 131 -6.20 9.47 -7.82
C ASP A 131 -5.14 8.58 -7.17
N LEU A 132 -3.87 8.85 -7.46
CA LEU A 132 -2.78 8.04 -6.92
C LEU A 132 -2.75 8.08 -5.40
N VAL A 133 -2.86 9.28 -4.80
CA VAL A 133 -2.73 9.30 -3.34
C VAL A 133 -4.04 8.91 -2.67
N VAL A 134 -5.16 9.03 -3.36
CA VAL A 134 -6.41 8.44 -2.82
C VAL A 134 -6.33 6.90 -2.81
N ARG A 135 -5.66 6.34 -3.81
CA ARG A 135 -5.47 4.89 -3.86
C ARG A 135 -4.47 4.34 -2.83
N LEU A 136 -3.40 5.10 -2.56
CA LEU A 136 -2.38 4.69 -1.60
C LEU A 136 -2.02 5.89 -0.77
N PRO A 137 -2.87 6.18 0.23
CA PRO A 137 -2.68 7.48 0.90
C PRO A 137 -1.42 7.52 1.74
N ARG A 138 -0.90 6.36 2.14
CA ARG A 138 0.34 6.41 2.90
C ARG A 138 1.55 6.97 2.11
N LEU A 139 1.43 7.12 0.78
CA LEU A 139 2.48 7.80 0.03
C LEU A 139 2.71 9.18 0.64
N LEU A 140 1.62 9.80 1.10
CA LEU A 140 1.73 11.14 1.69
C LEU A 140 2.32 11.18 3.10
N THR A 141 2.33 10.05 3.81
CA THR A 141 2.81 10.06 5.21
C THR A 141 4.15 9.41 5.45
N GLY A 142 4.65 8.70 4.42
CA GLY A 142 5.86 7.91 4.60
C GLY A 142 7.09 8.69 4.18
N SER A 143 8.26 8.08 4.26
CA SER A 143 9.44 8.75 3.76
C SER A 143 9.36 8.92 2.23
N LEU A 144 9.87 10.03 1.71
CA LEU A 144 9.83 10.27 0.26
C LEU A 144 11.04 9.67 -0.42
N GLU A 145 12.01 9.23 0.38
CA GLU A 145 13.28 8.75 -0.15
C GLU A 145 13.15 7.50 -1.00
N PRO A 146 12.38 6.50 -0.53
CA PRO A 146 12.23 5.31 -1.35
C PRO A 146 11.58 5.66 -2.65
N VAL A 147 10.71 6.67 -2.68
CA VAL A 147 10.11 7.09 -3.95
C VAL A 147 11.18 7.60 -4.94
N LYS A 148 12.02 8.52 -4.50
CA LYS A 148 13.09 9.03 -5.35
C LYS A 148 14.00 7.92 -5.79
N GLU A 149 14.39 7.06 -4.85
CA GLU A 149 15.32 5.99 -5.16
C GLU A 149 14.70 5.01 -6.13
N ASN A 150 13.43 4.64 -5.92
CA ASN A 150 12.81 3.64 -6.83
C ASN A 150 12.57 4.19 -8.22
N MET A 151 12.22 5.47 -8.34
CA MET A 151 12.15 6.06 -9.68
C MET A 151 13.46 5.93 -10.45
N LYS A 152 14.60 6.09 -9.77
CA LYS A 152 15.88 5.98 -10.47
C LYS A 152 16.19 4.50 -10.70
N VAL A 153 15.82 3.64 -9.77
CA VAL A 153 16.05 2.22 -10.03
C VAL A 153 15.31 1.76 -11.30
N TYR A 154 14.02 2.05 -11.41
CA TYR A 154 13.26 1.60 -12.57
C TYR A 154 13.85 2.08 -13.88
N ARG A 155 14.31 3.33 -13.90
CA ARG A 155 14.84 3.88 -15.14
C ARG A 155 16.29 3.51 -15.40
N LEU A 156 17.15 3.73 -14.41
CA LEU A 156 18.59 3.66 -14.64
C LEU A 156 19.16 2.28 -14.44
N GLU A 157 18.55 1.48 -13.58
CA GLU A 157 19.05 0.12 -13.34
C GLU A 157 18.20 -0.88 -14.10
N LEU A 158 16.89 -0.67 -14.13
CA LEU A 158 16.04 -1.72 -14.74
C LEU A 158 15.72 -1.43 -16.20
N GLY A 159 16.00 -0.21 -16.65
CA GLY A 159 15.84 0.08 -18.06
C GLY A 159 14.43 0.40 -18.57
N PHE A 160 13.50 0.72 -17.69
CA PHE A 160 12.20 1.21 -18.15
C PHE A 160 12.24 2.65 -18.57
N LYS A 161 11.44 3.02 -19.57
CA LYS A 161 11.33 4.41 -19.96
C LYS A 161 10.40 5.19 -19.02
N HIS A 162 10.55 6.53 -18.96
CA HIS A 162 9.72 7.30 -18.03
C HIS A 162 8.22 7.07 -18.20
N ASN A 163 7.76 7.04 -19.45
CA ASN A 163 6.34 6.77 -19.69
C ASN A 163 5.87 5.37 -19.26
N GLU A 164 6.73 4.38 -19.44
CA GLU A 164 6.44 3.04 -18.95
C GLU A 164 6.27 2.99 -17.43
N ILE A 165 7.10 3.75 -16.71
CA ILE A 165 7.07 3.77 -15.27
C ILE A 165 5.74 4.37 -14.83
N GLN A 166 5.37 5.51 -15.42
CA GLN A 166 4.05 6.09 -15.11
C GLN A 166 2.91 5.10 -15.29
N HIS A 167 2.94 4.35 -16.40
CA HIS A 167 1.91 3.36 -16.65
C HIS A 167 1.81 2.32 -15.54
N MET A 168 2.96 1.79 -15.11
CA MET A 168 2.97 0.77 -14.08
C MET A 168 2.54 1.31 -12.72
N ILE A 169 3.09 2.45 -12.34
CA ILE A 169 2.87 2.90 -10.95
C ILE A 169 1.44 3.41 -10.73
N THR A 170 0.80 3.93 -11.77
CA THR A 170 -0.62 4.32 -11.58
C THR A 170 -1.51 3.12 -11.31
N ARG A 171 -1.16 1.96 -11.88
CA ARG A 171 -1.93 0.76 -11.62
C ARG A 171 -1.53 0.10 -10.31
N ILE A 172 -0.26 0.19 -9.97
CA ILE A 172 0.26 -0.45 -8.77
C ILE A 172 1.09 0.55 -7.97
N PRO A 173 0.41 1.44 -7.25
CA PRO A 173 1.15 2.55 -6.62
C PRO A 173 2.19 2.05 -5.61
N LYS A 174 1.99 0.87 -5.00
CA LYS A 174 2.99 0.32 -4.08
C LYS A 174 4.37 0.12 -4.70
N MET A 175 4.45 0.05 -6.04
CA MET A 175 5.74 0.02 -6.73
C MET A 175 6.65 1.18 -6.33
N LEU A 176 6.05 2.30 -5.95
CA LEU A 176 6.86 3.48 -5.65
C LEU A 176 7.69 3.31 -4.38
N THR A 177 7.26 2.44 -3.48
CA THR A 177 7.97 2.32 -2.18
C THR A 177 8.45 0.90 -1.91
N ALA A 178 8.30 0.05 -2.90
CA ALA A 178 8.63 -1.36 -2.76
C ALA A 178 10.11 -1.53 -2.43
N ASN A 179 10.44 -2.61 -1.74
CA ASN A 179 11.83 -2.87 -1.42
C ASN A 179 12.65 -3.03 -2.70
N LYS A 180 13.77 -2.35 -2.80
CA LYS A 180 14.59 -2.33 -4.02
C LYS A 180 15.15 -3.70 -4.37
N MET A 181 15.58 -4.46 -3.35
CA MET A 181 16.12 -5.80 -3.61
C MET A 181 15.07 -6.70 -4.25
N LYS A 182 13.84 -6.64 -3.73
CA LYS A 182 12.73 -7.43 -4.23
C LYS A 182 12.33 -7.02 -5.65
N LEU A 183 12.26 -5.72 -5.91
CA LEU A 183 12.01 -5.23 -7.28
C LEU A 183 13.09 -5.77 -8.24
N THR A 184 14.36 -5.65 -7.87
CA THR A 184 15.45 -6.10 -8.73
C THR A 184 15.42 -7.59 -8.96
N GLU A 185 15.13 -8.37 -7.92
CA GLU A 185 15.11 -9.82 -8.11
C GLU A 185 13.95 -10.21 -9.01
N THR A 186 12.80 -9.61 -8.79
CA THR A 186 11.64 -9.91 -9.67
C THR A 186 11.94 -9.54 -11.10
N PHE A 187 12.47 -8.33 -11.31
CA PHE A 187 12.79 -7.95 -12.65
C PHE A 187 13.78 -8.88 -13.31
N ASP A 188 14.85 -9.23 -12.59
CA ASP A 188 15.86 -10.08 -13.19
C ASP A 188 15.24 -11.42 -13.59
N PHE A 189 14.34 -11.96 -12.74
CA PHE A 189 13.79 -13.26 -13.04
C PHE A 189 12.85 -13.15 -14.27
N VAL A 190 11.98 -12.17 -14.25
CA VAL A 190 10.98 -12.06 -15.32
C VAL A 190 11.62 -11.61 -16.65
N HIS A 191 12.53 -10.64 -16.61
CA HIS A 191 13.16 -10.19 -17.84
C HIS A 191 14.24 -11.10 -18.32
N ASN A 192 15.09 -11.57 -17.43
CA ASN A 192 16.26 -12.34 -17.92
C ASN A 192 16.01 -13.83 -17.90
N VAL A 193 15.42 -14.35 -16.84
CA VAL A 193 15.24 -15.81 -16.80
C VAL A 193 14.04 -16.24 -17.66
N MET A 194 12.94 -15.49 -17.57
CA MET A 194 11.78 -15.83 -18.39
C MET A 194 11.83 -15.15 -19.78
N SER A 195 12.82 -14.29 -20.00
CA SER A 195 13.03 -13.59 -21.27
C SER A 195 11.80 -12.80 -21.75
N ILE A 196 11.18 -12.08 -20.82
CA ILE A 196 10.03 -11.27 -21.14
C ILE A 196 10.48 -9.81 -21.33
N PRO A 197 10.17 -9.21 -22.50
CA PRO A 197 10.64 -7.84 -22.76
C PRO A 197 9.99 -6.80 -21.92
N HIS A 198 10.63 -5.62 -21.82
CA HIS A 198 10.11 -4.58 -20.98
C HIS A 198 8.64 -4.30 -21.34
N HIS A 199 8.32 -4.25 -22.63
CA HIS A 199 7.00 -3.69 -22.97
C HIS A 199 5.86 -4.61 -22.48
N ILE A 200 6.15 -5.90 -22.40
CA ILE A 200 5.19 -6.82 -21.83
C ILE A 200 5.10 -6.72 -20.31
N ILE A 201 6.22 -6.56 -19.61
CA ILE A 201 6.22 -6.35 -18.17
C ILE A 201 5.38 -5.11 -17.85
N VAL A 202 5.55 -4.09 -18.66
CA VAL A 202 4.80 -2.82 -18.46
C VAL A 202 3.30 -3.07 -18.49
N LYS A 203 2.87 -3.94 -19.41
CA LYS A 203 1.44 -4.27 -19.53
C LYS A 203 0.90 -5.07 -18.36
N PHE A 204 1.77 -5.81 -17.66
CA PHE A 204 1.36 -6.61 -16.49
C PHE A 204 2.17 -6.33 -15.23
N PRO A 205 2.09 -5.11 -14.69
CA PRO A 205 2.90 -4.69 -13.55
C PRO A 205 2.59 -5.47 -12.26
N GLN A 206 1.48 -6.20 -12.23
CA GLN A 206 1.12 -6.93 -11.02
C GLN A 206 2.18 -8.01 -10.72
N VAL A 207 3.08 -8.28 -11.66
CA VAL A 207 4.16 -9.17 -11.33
C VAL A 207 5.04 -8.57 -10.23
N PHE A 208 5.08 -7.24 -10.14
CA PHE A 208 5.78 -6.61 -9.03
C PHE A 208 4.96 -6.59 -7.73
N ASN A 209 3.74 -7.13 -7.74
CA ASN A 209 2.90 -7.16 -6.57
C ASN A 209 2.63 -8.62 -6.15
N THR A 210 3.40 -9.55 -6.73
CA THR A 210 3.23 -10.99 -6.52
C THR A 210 4.48 -11.47 -5.78
N ARG A 211 4.33 -12.41 -4.85
CA ARG A 211 5.53 -12.93 -4.20
C ARG A 211 6.32 -13.74 -5.21
N LEU A 212 7.63 -13.49 -5.29
CA LEU A 212 8.43 -14.02 -6.37
C LEU A 212 8.46 -15.54 -6.40
N PHE A 213 8.37 -16.17 -5.23
CA PHE A 213 8.49 -17.64 -5.21
C PHE A 213 7.40 -18.22 -6.09
N LYS A 214 6.25 -17.55 -6.16
CA LYS A 214 5.10 -18.12 -6.88
C LYS A 214 5.34 -18.05 -8.40
N VAL A 215 5.86 -16.91 -8.85
CA VAL A 215 6.25 -16.71 -10.26
C VAL A 215 7.27 -17.77 -10.64
N LYS A 216 8.26 -17.95 -9.77
CA LYS A 216 9.34 -18.89 -10.05
C LYS A 216 8.85 -20.32 -10.13
N GLU A 217 8.03 -20.75 -9.16
CA GLU A 217 7.55 -22.15 -9.12
C GLU A 217 6.83 -22.45 -10.41
N ARG A 218 6.01 -21.50 -10.83
CA ARG A 218 5.16 -21.73 -12.01
C ARG A 218 5.96 -21.67 -13.30
N HIS A 219 6.85 -20.70 -13.43
CA HIS A 219 7.71 -20.72 -14.59
C HIS A 219 8.56 -21.98 -14.71
N LEU A 220 9.13 -22.44 -13.62
CA LEU A 220 10.03 -23.61 -13.68
C LEU A 220 9.24 -24.87 -14.06
N PHE A 221 8.03 -25.02 -13.52
CA PHE A 221 7.19 -26.17 -13.88
C PHE A 221 6.84 -26.07 -15.35
N LEU A 222 6.38 -24.90 -15.80
CA LEU A 222 6.00 -24.79 -17.25
C LEU A 222 7.19 -25.09 -18.13
N THR A 223 8.37 -24.63 -17.71
CA THR A 223 9.60 -24.91 -18.45
C THR A 223 9.86 -26.42 -18.51
N TYR A 224 9.69 -27.09 -17.38
CA TYR A 224 9.86 -28.55 -17.29
C TYR A 224 8.93 -29.30 -18.24
N LEU A 225 7.76 -28.72 -18.44
CA LEU A 225 6.72 -29.32 -19.28
C LEU A 225 6.77 -28.90 -20.75
N GLY A 226 7.58 -27.90 -21.07
CA GLY A 226 7.68 -27.41 -22.43
C GLY A 226 6.57 -26.45 -22.79
N ARG A 227 5.97 -25.82 -21.77
CA ARG A 227 4.79 -25.01 -21.97
C ARG A 227 4.99 -23.53 -21.56
N ALA A 228 6.24 -23.16 -21.35
CA ALA A 228 6.57 -21.75 -20.95
C ALA A 228 6.60 -20.83 -22.16
N GLN A 229 5.42 -20.54 -22.68
CA GLN A 229 5.25 -19.83 -23.93
C GLN A 229 4.67 -18.46 -23.61
N TYR A 230 5.52 -17.43 -23.58
CA TYR A 230 5.10 -16.13 -23.07
C TYR A 230 5.03 -15.06 -24.15
N ASP A 231 5.15 -15.49 -25.40
CA ASP A 231 5.15 -14.56 -26.53
C ASP A 231 3.75 -14.56 -27.17
N PRO A 232 3.04 -13.43 -27.08
CA PRO A 232 1.65 -13.38 -27.56
C PRO A 232 1.55 -13.65 -29.06
N ALA A 233 2.67 -13.61 -29.76
CA ALA A 233 2.63 -13.78 -31.20
C ALA A 233 2.69 -15.25 -31.59
N LYS A 234 2.80 -16.12 -30.58
CA LYS A 234 2.87 -17.56 -30.85
C LYS A 234 1.75 -18.29 -30.12
N PRO A 235 1.39 -19.50 -30.59
CA PRO A 235 0.28 -20.25 -29.98
C PRO A 235 0.58 -20.73 -28.57
N ASN A 236 -0.47 -21.12 -27.85
CA ASN A 236 -0.36 -21.57 -26.47
C ASN A 236 0.23 -20.49 -25.56
N TYR A 237 -0.04 -19.24 -25.90
CA TYR A 237 0.48 -18.10 -25.16
C TYR A 237 -0.07 -18.11 -23.75
N ILE A 238 0.83 -17.92 -22.79
CA ILE A 238 0.42 -17.76 -21.40
C ILE A 238 0.78 -16.35 -20.95
N SER A 239 -0.22 -15.52 -20.69
CA SER A 239 0.10 -14.16 -20.23
C SER A 239 0.59 -14.11 -18.77
N LEU A 240 1.30 -13.03 -18.43
CA LEU A 240 1.80 -12.87 -17.07
C LEU A 240 0.70 -12.76 -16.02
N ASP A 241 -0.43 -12.17 -16.40
CA ASP A 241 -1.54 -12.06 -15.46
C ASP A 241 -2.18 -13.43 -15.19
N LYS A 242 -2.35 -14.24 -16.24
CA LYS A 242 -2.80 -15.62 -15.99
C LYS A 242 -1.82 -16.27 -15.02
N LEU A 243 -0.54 -16.14 -15.33
CA LEU A 243 0.47 -16.81 -14.55
C LEU A 243 0.51 -16.45 -13.05
N VAL A 244 0.32 -15.18 -12.71
CA VAL A 244 0.38 -14.76 -11.31
C VAL A 244 -0.97 -14.75 -10.57
N SER A 245 -2.08 -14.88 -11.29
CA SER A 245 -3.39 -14.62 -10.69
C SER A 245 -4.29 -15.84 -10.48
N ILE A 246 -4.19 -16.81 -11.38
CA ILE A 246 -5.06 -17.97 -11.34
C ILE A 246 -4.61 -18.92 -10.24
N PRO A 247 -5.58 -19.53 -9.54
CA PRO A 247 -5.21 -20.45 -8.44
C PRO A 247 -4.56 -21.72 -8.94
N ASP A 248 -3.79 -22.35 -8.06
CA ASP A 248 -3.03 -23.55 -8.39
C ASP A 248 -3.80 -24.58 -9.19
N GLU A 249 -5.03 -24.88 -8.79
CA GLU A 249 -5.79 -25.99 -9.37
C GLU A 249 -6.10 -25.72 -10.83
N ILE A 250 -6.41 -24.47 -11.14
CA ILE A 250 -6.74 -24.10 -12.50
C ILE A 250 -5.47 -23.90 -13.32
N PHE A 251 -4.44 -23.32 -12.71
CA PHE A 251 -3.14 -23.21 -13.39
C PHE A 251 -2.67 -24.58 -13.84
N CYS A 252 -2.88 -25.60 -13.00
CA CYS A 252 -2.36 -26.93 -13.32
C CYS A 252 -3.14 -27.55 -14.45
N GLU A 253 -4.45 -27.50 -14.33
CA GLU A 253 -5.31 -28.19 -15.25
C GLU A 253 -5.38 -27.47 -16.59
N GLU A 254 -5.52 -26.15 -16.54
CA GLU A 254 -5.84 -25.33 -17.71
C GLU A 254 -4.60 -24.79 -18.43
N ILE A 255 -3.51 -24.65 -17.70
CA ILE A 255 -2.33 -23.98 -18.24
C ILE A 255 -1.14 -24.91 -18.37
N ALA A 256 -0.79 -25.59 -17.28
CA ALA A 256 0.32 -26.53 -17.33
C ALA A 256 -0.11 -27.85 -17.97
N LYS A 257 -1.43 -28.08 -18.00
CA LYS A 257 -1.99 -29.35 -18.44
C LYS A 257 -1.35 -30.52 -17.69
N ALA A 258 -1.34 -30.41 -16.38
CA ALA A 258 -0.76 -31.45 -15.55
C ALA A 258 -1.55 -31.52 -14.26
N SER A 259 -1.42 -32.63 -13.54
CA SER A 259 -2.16 -32.79 -12.29
C SER A 259 -1.49 -31.94 -11.20
N VAL A 260 -2.26 -31.61 -10.16
CA VAL A 260 -1.69 -30.89 -9.03
C VAL A 260 -0.67 -31.81 -8.33
N GLN A 261 -0.94 -33.10 -8.33
CA GLN A 261 0.00 -34.04 -7.72
C GLN A 261 1.37 -33.95 -8.41
N ASP A 262 1.36 -33.84 -9.74
CA ASP A 262 2.61 -33.75 -10.46
C ASP A 262 3.32 -32.41 -10.21
N PHE A 263 2.53 -31.35 -10.00
CA PHE A 263 3.11 -30.05 -9.68
C PHE A 263 3.77 -30.18 -8.30
N GLU A 264 3.07 -30.78 -7.35
CA GLU A 264 3.61 -30.98 -6.01
C GLU A 264 4.91 -31.82 -6.08
N LYS A 265 4.90 -32.87 -6.88
CA LYS A 265 6.09 -33.70 -7.06
C LYS A 265 7.28 -32.90 -7.61
N PHE A 266 7.01 -32.07 -8.61
CA PHE A 266 8.04 -31.22 -9.19
C PHE A 266 8.60 -30.25 -8.14
N LEU A 267 7.74 -29.70 -7.31
CA LEU A 267 8.19 -28.63 -6.41
C LEU A 267 9.15 -29.19 -5.39
N LYS A 268 9.14 -30.51 -5.22
CA LYS A 268 10.01 -31.16 -4.25
C LYS A 268 11.43 -31.34 -4.79
N THR A 269 11.62 -31.07 -6.07
CA THR A 269 12.96 -31.10 -6.67
C THR A 269 13.60 -29.71 -6.70
N LEU A 270 12.90 -28.70 -6.19
CA LEU A 270 13.40 -27.33 -6.23
C LEU A 270 14.34 -27.04 -5.06
#